data_1ZRB
#
_entry.id   1ZRB
#
_cell.length_a   69.39
_cell.length_b   71.31
_cell.length_c   72.15
_cell.angle_alpha   90.0
_cell.angle_beta   100.35
_cell.angle_gamma   90.0
#
_symmetry.space_group_name_H-M   'C 1 2 1'
#
loop_
_entity.id
_entity.type
_entity.pdbx_description
1 polymer thrombin
2 polymer '11-peptide hirudin fragment'
3 non-polymer '3-AZA-9-HYDROXY-9-FLUORENYLCARBONYL-L-PROLYL-2-AMINOMETHYL-5-CHLOROBENZYLAMIDE, N-OXIDE'
4 water water
#
loop_
_entity_poly.entity_id
_entity_poly.type
_entity_poly.pdbx_seq_one_letter_code
_entity_poly.pdbx_strand_id
1 'polypeptide(L)'
;DCGLRPLFEKKSLEDKTERELLESYIDGRIVEGSDAEIGMSPWQVMLFRKSPQELLCGASLISDRWVLTAAHCLLYPPWD
KNFTENDLLVRIGKHSRTRYERNIEKISMLEKIYIHPRYNWRENLDRDIALMKLKKPVAFSDYIHPVCLPDRETAASLLQ
AGYKGRVTGWGNLKETWTANVGKGQPSVLQVVNLPIVERPVCKDSTRIRITDNMFCAGYKPDEGKRGDACEGDSGGPFVM
KSPFNNRWYQMGIVSWGEGCDRDGKYGFYTHVFRLKKWIQKVIDQFG
;
A
2 'polypeptide(L)' DFEEIPEE(TYS)LQ B
#
loop_
_chem_comp.id
_chem_comp.type
_chem_comp.name
_chem_comp.formula
062 non-polymer '3-AZA-9-HYDROXY-9-FLUORENYLCARBONYL-L-PROLYL-2-AMINOMETHYL-5-CHLOROBENZYLAMIDE, N-OXIDE' 'C26 H25 Cl N4 O4'
#
# COMPACT_ATOMS: atom_id res chain seq x y z
N ASP A 1 -3.84 9.33 16.87
CA ASP A 1 -3.97 10.36 15.81
C ASP A 1 -3.86 9.79 14.39
N CYS A 2 -3.73 8.47 14.29
CA CYS A 2 -3.59 7.80 12.99
C CYS A 2 -4.76 8.08 12.06
N GLY A 3 -4.50 7.99 10.77
CA GLY A 3 -5.53 8.16 9.76
C GLY A 3 -6.15 9.53 9.59
N LEU A 4 -5.61 10.54 10.27
CA LEU A 4 -6.11 11.89 10.14
C LEU A 4 -5.02 12.70 9.43
N ARG A 5 -5.29 13.05 8.19
CA ARG A 5 -4.31 13.78 7.37
C ARG A 5 -4.22 15.27 7.70
N PRO A 6 -3.00 15.77 7.93
CA PRO A 6 -2.73 17.17 8.25
C PRO A 6 -3.32 18.16 7.25
N LEU A 7 -3.24 17.85 5.95
CA LEU A 7 -3.77 18.74 4.93
C LEU A 7 -5.22 18.53 4.55
N PHE A 8 -5.88 17.55 5.16
CA PHE A 8 -7.29 17.32 4.86
C PHE A 8 -8.14 17.23 6.11
N GLU A 9 -8.28 16.05 6.72
CA GLU A 9 -9.11 15.94 7.92
C GLU A 9 -8.76 16.94 9.02
N LYS A 10 -7.46 17.16 9.25
CA LYS A 10 -7.04 18.06 10.31
C LYS A 10 -7.46 19.51 10.08
N LYS A 11 -7.71 19.87 8.82
CA LYS A 11 -8.14 21.23 8.46
C LYS A 11 -9.56 21.23 7.93
N SER A 12 -10.23 20.09 8.04
CA SER A 12 -11.60 19.90 7.55
C SER A 12 -11.74 20.21 6.06
N LEU A 13 -10.79 19.74 5.27
CA LEU A 13 -10.82 19.90 3.82
C LEU A 13 -10.93 18.48 3.28
N GLU A 14 -11.68 18.30 2.21
CA GLU A 14 -11.85 16.97 1.62
C GLU A 14 -11.09 16.91 0.31
N ASP A 15 -10.53 15.74 -0.02
CA ASP A 15 -9.83 15.61 -1.28
C ASP A 15 -10.90 15.40 -2.36
N LYS A 16 -10.52 15.48 -3.63
CA LYS A 16 -11.48 15.38 -4.73
C LYS A 16 -12.25 14.07 -4.97
N THR A 17 -11.83 12.96 -4.38
CA THR A 17 -12.57 11.72 -4.63
C THR A 17 -13.01 10.93 -3.40
N GLU A 18 -12.72 11.43 -2.21
CA GLU A 18 -13.11 10.68 -1.02
C GLU A 18 -14.63 10.49 -0.94
N ARG A 19 -15.38 11.43 -1.51
CA ARG A 19 -16.83 11.35 -1.56
C ARG A 19 -17.27 10.05 -2.25
N GLU A 20 -16.55 9.66 -3.31
CA GLU A 20 -16.86 8.43 -4.05
C GLU A 20 -16.81 7.22 -3.10
N LEU A 21 -15.86 7.26 -2.17
CA LEU A 21 -15.73 6.18 -1.21
C LEU A 21 -16.93 6.16 -0.28
N LEU A 22 -17.23 7.31 0.30
CA LEU A 22 -18.35 7.44 1.22
C LEU A 22 -19.67 6.99 0.58
N GLU A 23 -19.91 7.38 -0.66
CA GLU A 23 -21.14 7.01 -1.35
C GLU A 23 -21.26 5.50 -1.56
N SER A 24 -20.14 4.79 -1.60
CA SER A 24 -20.15 3.35 -1.80
C SER A 24 -20.41 2.60 -0.49
N TYR A 25 -20.35 3.30 0.63
CA TYR A 25 -20.61 2.64 1.91
C TYR A 25 -22.09 2.82 2.20
N ILE A 26 -22.92 1.98 1.59
CA ILE A 26 -24.37 2.07 1.74
C ILE A 26 -25.03 0.96 2.55
N ILE A 30 0.07 2.13 -11.11
CA ILE A 30 -1.41 2.29 -11.08
C ILE A 30 -1.91 2.56 -12.49
N VAL A 31 -2.85 1.75 -12.94
CA VAL A 31 -3.43 1.88 -14.28
C VAL A 31 -4.77 2.59 -14.19
N GLU A 32 -5.00 3.55 -15.08
CA GLU A 32 -6.25 4.30 -15.11
C GLU A 32 -6.58 5.07 -13.83
N GLY A 33 -5.54 5.59 -13.18
CA GLY A 33 -5.75 6.37 -11.98
C GLY A 33 -5.54 7.84 -12.31
N SER A 34 -5.18 8.63 -11.30
CA SER A 34 -4.94 10.05 -11.52
C SER A 34 -3.87 10.53 -10.55
N ASP A 35 -3.32 11.71 -10.81
CA ASP A 35 -2.29 12.27 -9.94
C ASP A 35 -2.86 12.52 -8.55
N ALA A 36 -2.11 12.13 -7.53
CA ALA A 36 -2.53 12.34 -6.16
C ALA A 36 -2.42 13.82 -5.81
N GLU A 37 -3.25 14.27 -4.87
CA GLU A 37 -3.18 15.66 -4.42
C GLU A 37 -2.05 15.70 -3.40
N ILE A 38 -1.48 16.88 -3.18
CA ILE A 38 -0.40 17.01 -2.21
C ILE A 38 -0.95 16.62 -0.83
N GLY A 39 -0.20 15.78 -0.13
CA GLY A 39 -0.62 15.34 1.20
C GLY A 39 -1.82 14.41 1.28
N MET A 40 -2.21 13.84 0.14
CA MET A 40 -3.38 12.95 0.09
C MET A 40 -3.19 11.58 0.75
N SER A 41 -1.98 11.02 0.67
CA SER A 41 -1.65 9.74 1.28
C SER A 41 -0.35 9.91 2.05
N PRO A 42 -0.38 10.66 3.16
CA PRO A 42 0.80 10.94 3.99
C PRO A 42 1.49 9.72 4.57
N TRP A 43 0.81 8.57 4.50
CA TRP A 43 1.37 7.32 5.01
C TRP A 43 2.06 6.53 3.89
N GLN A 44 2.00 7.04 2.66
CA GLN A 44 2.61 6.35 1.53
C GLN A 44 4.12 6.32 1.71
N VAL A 45 4.71 5.16 1.49
CA VAL A 45 6.15 5.00 1.62
C VAL A 45 6.69 4.36 0.35
N MET A 46 7.89 4.79 -0.06
CA MET A 46 8.53 4.21 -1.23
C MET A 46 9.69 3.35 -0.75
N LEU A 47 9.72 2.10 -1.18
CA LEU A 47 10.83 1.21 -0.84
C LEU A 47 11.80 1.49 -1.97
N PHE A 48 12.99 1.96 -1.61
CA PHE A 48 13.99 2.33 -2.62
C PHE A 48 15.24 1.45 -2.53
N ARG A 49 15.65 0.91 -3.68
CA ARG A 49 16.84 0.07 -3.73
C ARG A 49 18.07 0.97 -3.85
N LYS A 50 19.08 0.72 -3.00
CA LYS A 50 20.30 1.52 -3.03
C LYS A 50 21.08 1.44 -4.34
N SER A 51 21.33 0.23 -4.82
CA SER A 51 22.09 0.05 -6.06
C SER A 51 21.65 -1.17 -6.86
N PRO A 52 21.18 -0.96 -8.09
CA PRO A 52 21.06 0.38 -8.69
C PRO A 52 19.86 1.14 -8.12
N GLN A 53 20.03 2.44 -7.94
CA GLN A 53 18.95 3.29 -7.42
C GLN A 53 17.69 3.14 -8.26
N GLU A 54 16.65 2.59 -7.66
CA GLU A 54 15.40 2.39 -8.38
C GLU A 54 14.24 2.07 -7.44
N LEU A 55 13.02 2.23 -7.95
CA LEU A 55 11.83 1.93 -7.17
C LEU A 55 11.77 0.44 -6.96
N LEU A 56 11.53 0.03 -5.71
CA LEU A 56 11.45 -1.38 -5.40
C LEU A 56 10.00 -1.80 -5.15
N CYS A 57 9.27 -0.98 -4.40
CA CYS A 57 7.89 -1.28 -4.06
C CYS A 57 7.29 -0.14 -3.27
N GLY A 58 6.01 -0.27 -2.97
CA GLY A 58 5.32 0.71 -2.16
C GLY A 58 5.29 0.15 -0.75
N ALA A 59 4.79 0.94 0.18
CA ALA A 59 4.70 0.51 1.56
C ALA A 59 3.90 1.56 2.29
N SER A 60 3.67 1.37 3.58
CA SER A 60 2.90 2.34 4.35
C SER A 60 3.45 2.56 5.75
N LEU A 61 3.25 3.77 6.27
CA LEU A 61 3.72 4.14 7.60
C LEU A 61 2.62 3.87 8.62
N ILE A 62 2.90 3.03 9.62
CA ILE A 62 1.88 2.74 10.63
C ILE A 62 2.20 3.28 12.04
N SER A 63 3.39 3.84 12.21
CA SER A 63 3.83 4.44 13.48
C SER A 63 5.10 5.17 13.12
N ASP A 64 5.71 5.88 14.07
CA ASP A 64 6.94 6.60 13.73
C ASP A 64 8.15 5.72 13.50
N ARG A 65 8.04 4.42 13.75
CA ARG A 65 9.20 3.56 13.54
C ARG A 65 8.90 2.25 12.82
N TRP A 66 7.66 2.06 12.39
CA TRP A 66 7.29 0.83 11.69
C TRP A 66 6.65 1.08 10.33
N VAL A 67 7.07 0.29 9.34
CA VAL A 67 6.57 0.39 7.98
C VAL A 67 6.05 -0.97 7.54
N LEU A 68 4.86 -0.98 6.92
CA LEU A 68 4.22 -2.21 6.47
C LEU A 68 4.35 -2.34 4.96
N THR A 69 4.60 -3.56 4.49
CA THR A 69 4.71 -3.78 3.06
C THR A 69 4.35 -5.23 2.73
N ALA A 70 4.46 -5.61 1.46
CA ALA A 70 4.15 -6.96 1.05
C ALA A 70 5.42 -7.79 1.17
N ALA A 71 5.30 -8.99 1.72
CA ALA A 71 6.46 -9.88 1.87
C ALA A 71 7.19 -10.13 0.55
N HIS A 72 6.46 -10.26 -0.56
CA HIS A 72 7.10 -10.56 -1.83
C HIS A 72 8.01 -9.43 -2.34
N CYS A 73 7.85 -8.24 -1.76
CA CYS A 73 8.67 -7.10 -2.13
C CYS A 73 10.10 -7.31 -1.64
N LEU A 74 10.25 -8.11 -0.59
CA LEU A 74 11.55 -8.37 0.02
C LEU A 74 12.06 -9.79 -0.25
N LEU A 75 11.13 -10.74 -0.32
CA LEU A 75 11.49 -12.13 -0.55
C LEU A 75 10.63 -12.78 -1.60
N TYR A 76 11.23 -13.14 -2.73
CA TYR A 76 10.51 -13.81 -3.81
C TYR A 76 11.46 -14.64 -4.66
N PRO A 77 11.78 -15.85 -4.21
CA PRO A 77 12.68 -16.80 -4.89
C PRO A 77 12.49 -16.95 -6.41
N PRO A 78 11.24 -17.00 -6.90
CA PRO A 78 11.11 -17.15 -8.36
C PRO A 78 11.87 -16.11 -9.19
N TRP A 79 11.95 -14.88 -8.69
CA TRP A 79 12.67 -13.82 -9.40
C TRP A 79 14.02 -13.51 -8.74
N ASP A 80 14.51 -14.43 -7.92
CA ASP A 80 15.78 -14.25 -7.22
C ASP A 80 15.85 -12.99 -6.37
N LYS A 81 14.74 -12.69 -5.70
CA LYS A 81 14.67 -11.53 -4.84
C LYS A 81 14.78 -12.00 -3.39
N ASN A 82 15.72 -11.43 -2.65
CA ASN A 82 15.93 -11.75 -1.24
C ASN A 82 16.76 -10.63 -0.63
N PHE A 83 16.15 -9.47 -0.51
CA PHE A 83 16.81 -8.28 0.03
C PHE A 83 17.07 -8.31 1.53
N THR A 84 18.18 -7.71 1.93
CA THR A 84 18.56 -7.60 3.33
C THR A 84 18.27 -6.15 3.67
N GLU A 85 18.20 -5.81 4.96
CA GLU A 85 17.91 -4.44 5.34
C GLU A 85 18.89 -3.40 4.80
N ASN A 86 20.16 -3.76 4.64
CA ASN A 86 21.16 -2.83 4.13
C ASN A 86 21.10 -2.59 2.63
N ASP A 87 20.25 -3.34 1.94
CA ASP A 87 20.09 -3.19 0.50
C ASP A 87 19.07 -2.11 0.12
N LEU A 88 18.25 -1.72 1.08
CA LEU A 88 17.18 -0.76 0.81
C LEU A 88 17.12 0.46 1.70
N LEU A 89 16.32 1.43 1.27
CA LEU A 89 16.07 2.66 1.99
C LEU A 89 14.58 2.88 1.95
N VAL A 90 14.07 3.65 2.92
CA VAL A 90 12.65 3.96 2.98
C VAL A 90 12.48 5.47 2.80
N ARG A 91 11.74 5.86 1.76
CA ARG A 91 11.50 7.27 1.47
C ARG A 91 10.05 7.61 1.83
N ILE A 92 9.89 8.48 2.82
CA ILE A 92 8.56 8.86 3.31
C ILE A 92 8.22 10.31 3.01
N GLY A 93 6.95 10.58 2.73
CA GLY A 93 6.49 11.93 2.45
C GLY A 93 6.64 12.37 1.02
N LYS A 94 6.85 11.42 0.12
CA LYS A 94 7.05 11.73 -1.29
C LYS A 94 5.80 11.91 -2.12
N HIS A 95 5.98 12.62 -3.23
CA HIS A 95 4.91 12.87 -4.19
C HIS A 95 5.50 12.53 -5.55
N SER A 96 6.56 13.22 -5.93
CA SER A 96 7.22 12.93 -7.20
C SER A 96 7.89 11.59 -7.06
N ARG A 97 7.87 10.81 -8.15
CA ARG A 97 8.48 9.49 -8.16
C ARG A 97 10.01 9.52 -8.13
N THR A 98 10.61 10.20 -9.11
CA THR A 98 12.07 10.23 -9.23
C THR A 98 12.89 11.35 -8.62
N ARG A 99 12.29 12.49 -8.33
CA ARG A 99 13.07 13.60 -7.79
C ARG A 99 13.26 13.58 -6.28
N TYR A 100 14.39 14.10 -5.83
CA TYR A 100 14.67 14.18 -4.40
C TYR A 100 13.93 15.40 -3.88
N GLU A 101 12.89 15.16 -3.09
CA GLU A 101 12.06 16.23 -2.55
C GLU A 101 12.64 16.83 -1.28
N ARG A 102 13.67 17.65 -1.45
CA ARG A 102 14.36 18.30 -0.36
C ARG A 102 13.38 19.08 0.52
N ASN A 103 13.56 18.98 1.84
CA ASN A 103 12.71 19.67 2.81
C ASN A 103 11.31 19.09 2.94
N ILE A 104 11.02 18.02 2.20
CA ILE A 104 9.70 17.42 2.27
C ILE A 104 9.79 15.94 2.64
N GLU A 105 10.47 15.17 1.80
CA GLU A 105 10.60 13.74 2.09
C GLU A 105 11.71 13.50 3.11
N LYS A 106 11.65 12.33 3.74
CA LYS A 106 12.66 11.92 4.70
C LYS A 106 13.10 10.51 4.35
N ILE A 107 14.40 10.29 4.30
CA ILE A 107 14.94 8.98 3.97
C ILE A 107 15.42 8.27 5.24
N SER A 108 14.86 7.09 5.50
CA SER A 108 15.21 6.32 6.69
C SER A 108 15.89 5.01 6.34
N MET A 109 16.74 4.53 7.25
CA MET A 109 17.44 3.28 7.05
C MET A 109 16.68 2.19 7.79
N LEU A 110 16.87 0.95 7.36
CA LEU A 110 16.19 -0.18 7.99
C LEU A 110 17.03 -0.86 9.05
N GLU A 111 16.42 -1.05 10.22
CA GLU A 111 17.09 -1.73 11.32
C GLU A 111 16.85 -3.24 11.19
N LYS A 112 15.60 -3.62 10.93
CA LYS A 112 15.28 -5.03 10.79
C LYS A 112 14.03 -5.27 9.94
N ILE A 113 14.06 -6.38 9.21
CA ILE A 113 12.96 -6.80 8.36
C ILE A 113 12.30 -8.03 9.01
N TYR A 114 10.98 -8.07 9.01
CA TYR A 114 10.24 -9.21 9.58
C TYR A 114 9.22 -9.72 8.57
N ILE A 115 9.46 -10.90 8.02
CA ILE A 115 8.56 -11.52 7.06
C ILE A 115 7.65 -12.50 7.79
N HIS A 116 6.36 -12.54 7.43
CA HIS A 116 5.45 -13.47 8.08
C HIS A 116 6.00 -14.88 7.89
N PRO A 117 6.09 -15.65 8.99
CA PRO A 117 6.58 -17.04 9.02
C PRO A 117 5.89 -17.96 8.03
N ARG A 118 4.60 -17.76 7.82
CA ARG A 118 3.85 -18.61 6.91
C ARG A 118 3.54 -17.96 5.57
N TYR A 119 4.36 -17.00 5.15
CA TYR A 119 4.20 -16.35 3.86
C TYR A 119 4.41 -17.44 2.80
N ASN A 120 3.48 -17.59 1.87
CA ASN A 120 3.58 -18.63 0.84
C ASN A 120 4.00 -18.07 -0.51
N TRP A 121 5.31 -18.01 -0.74
CA TRP A 121 5.81 -17.51 -2.00
C TRP A 121 5.81 -18.52 -3.13
N ARG A 122 5.76 -19.80 -2.81
CA ARG A 122 5.80 -20.81 -3.86
C ARG A 122 4.48 -21.11 -4.55
N GLU A 123 3.36 -20.65 -4.01
CA GLU A 123 2.08 -20.94 -4.66
C GLU A 123 1.18 -19.76 -5.03
N ASN A 124 0.65 -19.08 -4.03
CA ASN A 124 -0.28 -17.98 -4.28
C ASN A 124 -0.06 -16.69 -3.48
N LEU A 125 1.15 -16.49 -2.96
CA LEU A 125 1.45 -15.29 -2.17
C LEU A 125 0.56 -15.14 -0.94
N ASP A 126 0.12 -16.27 -0.37
CA ASP A 126 -0.72 -16.24 0.82
C ASP A 126 0.09 -15.61 1.95
N ARG A 127 -0.56 -14.74 2.74
CA ARG A 127 0.07 -14.03 3.85
C ARG A 127 1.22 -13.18 3.34
N ASP A 128 0.93 -12.40 2.29
CA ASP A 128 1.91 -11.51 1.65
C ASP A 128 2.03 -10.25 2.50
N ILE A 129 2.82 -10.34 3.56
CA ILE A 129 2.95 -9.21 4.47
C ILE A 129 4.30 -9.21 5.19
N ALA A 130 4.83 -8.01 5.41
CA ALA A 130 6.11 -7.88 6.09
C ALA A 130 6.18 -6.56 6.84
N LEU A 131 6.93 -6.55 7.93
CA LEU A 131 7.12 -5.35 8.72
C LEU A 131 8.59 -4.93 8.64
N MET A 132 8.83 -3.63 8.72
CA MET A 132 10.19 -3.10 8.66
C MET A 132 10.32 -2.07 9.78
N LYS A 133 11.28 -2.28 10.67
CA LYS A 133 11.52 -1.35 11.76
C LYS A 133 12.62 -0.40 11.29
N LEU A 134 12.38 0.89 11.44
CA LEU A 134 13.35 1.90 11.03
C LEU A 134 14.38 2.11 12.14
N LYS A 135 15.58 2.52 11.78
CA LYS A 135 16.63 2.75 12.78
C LYS A 135 16.30 3.88 13.73
N LYS A 136 15.65 4.92 13.22
CA LYS A 136 15.26 6.06 14.03
C LYS A 136 13.85 6.48 13.63
N PRO A 137 13.09 7.03 14.59
CA PRO A 137 11.73 7.46 14.26
C PRO A 137 11.74 8.63 13.29
N VAL A 138 10.74 8.67 12.42
CA VAL A 138 10.64 9.77 11.46
C VAL A 138 9.71 10.82 12.06
N ALA A 139 10.02 12.09 11.81
CA ALA A 139 9.19 13.17 12.33
C ALA A 139 7.96 13.35 11.45
N PHE A 140 6.79 13.42 12.07
CA PHE A 140 5.58 13.62 11.29
C PHE A 140 5.54 15.07 10.80
N SER A 141 4.77 15.30 9.75
CA SER A 141 4.64 16.63 9.16
C SER A 141 3.36 16.65 8.33
N ASP A 142 3.22 17.68 7.52
CA ASP A 142 2.05 17.78 6.65
C ASP A 142 2.04 16.65 5.63
N TYR A 143 3.22 16.14 5.29
CA TYR A 143 3.34 15.12 4.27
C TYR A 143 3.68 13.72 4.76
N ILE A 144 3.88 13.59 6.07
CA ILE A 144 4.22 12.31 6.67
C ILE A 144 3.33 12.09 7.88
N HIS A 145 2.51 11.03 7.82
CA HIS A 145 1.58 10.74 8.90
C HIS A 145 1.12 9.29 8.78
N PRO A 146 1.02 8.58 9.92
CA PRO A 146 0.59 7.18 9.91
C PRO A 146 -0.88 6.92 9.63
N VAL A 147 -1.15 5.78 9.02
CA VAL A 147 -2.51 5.38 8.71
C VAL A 147 -2.89 4.43 9.85
N CYS A 148 -4.19 4.26 10.08
CA CYS A 148 -4.64 3.35 11.13
C CYS A 148 -4.74 1.92 10.64
N LEU A 149 -4.66 0.98 11.57
CA LEU A 149 -4.82 -0.44 11.25
C LEU A 149 -6.22 -0.76 11.77
N PRO A 150 -7.00 -1.51 11.00
CA PRO A 150 -8.36 -1.86 11.40
C PRO A 150 -8.50 -2.85 12.55
N ASP A 151 -9.56 -2.68 13.33
CA ASP A 151 -9.86 -3.60 14.41
C ASP A 151 -10.95 -4.50 13.82
N ARG A 152 -11.36 -5.54 14.54
CA ARG A 152 -12.37 -6.46 14.03
C ARG A 152 -13.65 -5.78 13.52
N GLU A 153 -14.14 -4.83 14.29
CA GLU A 153 -15.37 -4.10 13.91
C GLU A 153 -15.20 -3.30 12.61
N THR A 154 -14.07 -2.62 12.48
CA THR A 154 -13.79 -1.81 11.30
C THR A 154 -13.82 -2.69 10.06
N ALA A 155 -13.09 -3.80 10.13
CA ALA A 155 -13.01 -4.74 9.02
C ALA A 155 -14.39 -5.30 8.68
N ALA A 156 -15.12 -5.77 9.68
CA ALA A 156 -16.44 -6.34 9.44
C ALA A 156 -17.37 -5.34 8.76
N SER A 157 -17.35 -4.10 9.20
CA SER A 157 -18.22 -3.08 8.63
C SER A 157 -17.87 -2.58 7.23
N LEU A 158 -16.59 -2.44 6.94
CA LEU A 158 -16.16 -1.90 5.65
C LEU A 158 -15.71 -2.87 4.56
N LEU A 159 -15.32 -4.09 4.94
CA LEU A 159 -14.86 -5.08 3.98
C LEU A 159 -16.05 -5.80 3.33
N GLN A 160 -16.83 -5.07 2.53
CA GLN A 160 -18.00 -5.63 1.88
C GLN A 160 -17.99 -5.36 0.39
N ALA A 161 -18.49 -6.32 -0.39
CA ALA A 161 -18.56 -6.17 -1.83
C ALA A 161 -19.25 -4.86 -2.17
N GLY A 162 -18.68 -4.12 -3.12
CA GLY A 162 -19.27 -2.85 -3.50
C GLY A 162 -18.63 -1.66 -2.80
N TYR A 163 -18.18 -1.86 -1.57
CA TYR A 163 -17.54 -0.78 -0.81
C TYR A 163 -16.18 -0.49 -1.46
N LYS A 164 -15.92 0.78 -1.71
CA LYS A 164 -14.66 1.19 -2.35
C LYS A 164 -13.52 1.56 -1.41
N GLY A 165 -12.32 1.24 -1.88
CA GLY A 165 -11.11 1.55 -1.14
C GLY A 165 -10.24 2.34 -2.09
N ARG A 166 -9.07 2.76 -1.61
CA ARG A 166 -8.19 3.55 -2.45
C ARG A 166 -6.81 2.91 -2.47
N VAL A 167 -6.23 2.79 -3.66
CA VAL A 167 -4.90 2.21 -3.82
C VAL A 167 -4.00 3.29 -4.42
N THR A 168 -2.77 3.38 -3.92
CA THR A 168 -1.84 4.39 -4.40
C THR A 168 -0.45 3.80 -4.64
N GLY A 169 0.28 4.36 -5.59
CA GLY A 169 1.61 3.86 -5.87
C GLY A 169 2.28 4.54 -7.04
N TRP A 170 3.57 4.27 -7.19
CA TRP A 170 4.37 4.84 -8.26
C TRP A 170 4.66 3.80 -9.34
N GLY A 171 3.92 2.70 -9.32
CA GLY A 171 4.13 1.63 -10.29
C GLY A 171 3.74 1.98 -11.72
N ASN A 172 3.91 1.01 -12.61
CA ASN A 172 3.62 1.21 -14.02
C ASN A 172 2.19 1.67 -14.28
N LEU A 173 2.05 2.55 -15.26
CA LEU A 173 0.76 3.09 -15.67
C LEU A 173 0.01 2.12 -16.60
N LYS A 174 0.74 1.16 -17.16
CA LYS A 174 0.15 0.18 -18.07
C LYS A 174 0.88 -1.16 -17.93
N GLU A 175 0.19 -2.25 -18.26
CA GLU A 175 0.76 -3.58 -18.16
C GLU A 175 1.97 -3.74 -19.08
N GLY A 184 6.37 4.05 -19.51
CA GLY A 184 5.07 4.04 -18.78
C GLY A 184 5.21 4.19 -17.28
N GLN A 185 6.01 5.16 -16.85
CA GLN A 185 6.23 5.43 -15.44
C GLN A 185 5.61 6.80 -15.15
N PRO A 186 4.91 6.94 -14.02
CA PRO A 186 4.28 8.23 -13.70
C PRO A 186 5.25 9.25 -13.10
N SER A 187 4.94 10.52 -13.31
CA SER A 187 5.75 11.59 -12.77
C SER A 187 5.47 11.71 -11.28
N VAL A 188 4.20 11.60 -10.89
CA VAL A 188 3.86 11.68 -9.47
C VAL A 188 3.01 10.51 -8.99
N LEU A 189 2.87 10.42 -7.68
CA LEU A 189 2.10 9.39 -7.02
C LEU A 189 0.73 9.28 -7.67
N GLN A 190 0.32 8.06 -7.99
CA GLN A 190 -0.98 7.82 -8.62
C GLN A 190 -1.99 7.28 -7.62
N VAL A 191 -3.26 7.55 -7.88
CA VAL A 191 -4.33 7.10 -7.00
C VAL A 191 -5.53 6.58 -7.79
N VAL A 192 -6.20 5.58 -7.22
CA VAL A 192 -7.38 5.04 -7.85
C VAL A 192 -8.30 4.41 -6.80
N ASN A 193 -9.60 4.64 -6.93
CA ASN A 193 -10.56 4.07 -5.99
C ASN A 193 -11.19 2.87 -6.70
N LEU A 194 -11.21 1.73 -6.01
CA LEU A 194 -11.75 0.50 -6.57
C LEU A 194 -12.68 -0.19 -5.59
N PRO A 195 -13.77 -0.78 -6.11
CA PRO A 195 -14.73 -1.48 -5.25
C PRO A 195 -14.28 -2.88 -4.89
N ILE A 196 -14.58 -3.30 -3.67
CA ILE A 196 -14.24 -4.63 -3.19
C ILE A 196 -15.16 -5.58 -3.96
N VAL A 197 -14.64 -6.72 -4.40
CA VAL A 197 -15.44 -7.67 -5.16
C VAL A 197 -15.81 -8.90 -4.32
N GLU A 198 -17.02 -9.40 -4.49
CA GLU A 198 -17.46 -10.57 -3.72
C GLU A 198 -16.55 -11.77 -3.97
N ARG A 199 -16.35 -12.57 -2.93
CA ARG A 199 -15.48 -13.73 -3.00
C ARG A 199 -15.68 -14.68 -4.18
N PRO A 200 -16.93 -15.11 -4.45
CA PRO A 200 -17.14 -16.03 -5.58
C PRO A 200 -16.62 -15.49 -6.91
N VAL A 201 -16.83 -14.19 -7.16
CA VAL A 201 -16.37 -13.58 -8.39
C VAL A 201 -14.84 -13.57 -8.44
N CYS A 202 -14.21 -13.21 -7.32
CA CYS A 202 -12.75 -13.21 -7.26
C CYS A 202 -12.21 -14.59 -7.61
N LYS A 203 -12.74 -15.60 -6.94
CA LYS A 203 -12.32 -16.98 -7.13
C LYS A 203 -12.52 -17.46 -8.57
N ASP A 204 -13.66 -17.10 -9.15
CA ASP A 204 -13.98 -17.50 -10.52
C ASP A 204 -13.25 -16.74 -11.62
N SER A 205 -12.45 -15.74 -11.24
CA SER A 205 -11.72 -14.96 -12.24
C SER A 205 -10.30 -15.46 -12.47
N THR A 206 -9.88 -16.48 -11.72
CA THR A 206 -8.52 -16.97 -11.82
C THR A 206 -8.41 -18.48 -11.53
N ARG A 207 -7.26 -19.06 -11.86
CA ARG A 207 -7.03 -20.48 -11.61
C ARG A 207 -6.22 -20.62 -10.31
N ILE A 208 -5.72 -19.50 -9.81
CA ILE A 208 -4.93 -19.47 -8.58
C ILE A 208 -5.88 -19.64 -7.39
N ARG A 209 -5.45 -20.43 -6.41
CA ARG A 209 -6.24 -20.64 -5.20
C ARG A 209 -6.30 -19.38 -4.34
N ILE A 210 -7.50 -18.95 -4.01
CA ILE A 210 -7.67 -17.76 -3.19
C ILE A 210 -7.85 -18.19 -1.72
N THR A 211 -7.29 -17.42 -0.79
CA THR A 211 -7.42 -17.77 0.63
C THR A 211 -8.13 -16.68 1.41
N ASP A 212 -8.44 -16.94 2.67
CA ASP A 212 -9.10 -15.96 3.51
C ASP A 212 -8.18 -14.78 3.87
N ASN A 213 -6.88 -14.90 3.61
CA ASN A 213 -5.94 -13.84 3.91
C ASN A 213 -5.78 -12.84 2.76
N MET A 214 -6.72 -12.90 1.82
CA MET A 214 -6.70 -12.01 0.68
C MET A 214 -8.11 -11.67 0.24
N PHE A 215 -8.26 -10.52 -0.39
CA PHE A 215 -9.55 -10.11 -0.93
C PHE A 215 -9.20 -9.47 -2.27
N CYS A 216 -10.15 -9.43 -3.19
CA CYS A 216 -9.83 -8.81 -4.47
C CYS A 216 -10.69 -7.57 -4.69
N ALA A 217 -10.25 -6.70 -5.57
CA ALA A 217 -10.97 -5.47 -5.86
C ALA A 217 -10.77 -5.03 -7.31
N GLY A 218 -11.74 -4.27 -7.80
CA GLY A 218 -11.67 -3.78 -9.16
C GLY A 218 -13.04 -3.81 -9.80
N TYR A 219 -13.16 -3.16 -10.94
CA TYR A 219 -14.43 -3.13 -11.65
C TYR A 219 -14.53 -4.31 -12.60
N LYS A 220 -15.74 -4.80 -12.81
CA LYS A 220 -15.94 -5.89 -13.76
C LYS A 220 -16.16 -5.19 -15.10
N PRO A 221 -16.02 -5.92 -16.20
CA PRO A 221 -16.21 -5.29 -17.52
C PRO A 221 -17.55 -4.58 -17.76
N ASP A 222 -18.62 -5.04 -17.13
CA ASP A 222 -19.92 -4.40 -17.34
C ASP A 222 -20.09 -3.06 -16.62
N GLU A 223 -19.20 -2.75 -15.69
CA GLU A 223 -19.29 -1.49 -14.93
C GLU A 223 -18.75 -0.26 -15.66
N GLY A 224 -17.93 -0.48 -16.69
CA GLY A 224 -17.39 0.65 -17.44
C GLY A 224 -16.10 1.22 -16.89
N LYS A 225 -16.12 1.62 -15.61
CA LYS A 225 -14.94 2.20 -14.99
C LYS A 225 -13.79 1.19 -14.96
N ARG A 226 -12.56 1.67 -14.87
CA ARG A 226 -11.40 0.80 -14.85
C ARG A 226 -10.45 1.17 -13.71
N GLY A 227 -9.30 0.51 -13.66
CA GLY A 227 -8.34 0.81 -12.62
C GLY A 227 -7.77 -0.44 -11.97
N ASP A 228 -6.50 -0.39 -11.61
CA ASP A 228 -5.85 -1.54 -11.00
C ASP A 228 -4.44 -1.14 -10.57
N ALA A 229 -3.83 -1.93 -9.71
CA ALA A 229 -2.46 -1.69 -9.31
C ALA A 229 -1.69 -2.35 -10.44
N CYS A 230 -0.37 -2.23 -10.42
CA CYS A 230 0.47 -2.85 -11.45
C CYS A 230 1.84 -3.06 -10.84
N GLU A 231 2.80 -3.51 -11.63
CA GLU A 231 4.15 -3.74 -11.14
C GLU A 231 4.73 -2.45 -10.56
N GLY A 232 5.27 -2.54 -9.36
CA GLY A 232 5.83 -1.36 -8.71
C GLY A 232 4.93 -0.84 -7.59
N ASP A 233 3.65 -1.22 -7.65
CA ASP A 233 2.65 -0.81 -6.65
C ASP A 233 2.58 -1.76 -5.46
N SER A 234 3.08 -2.99 -5.65
CA SER A 234 3.07 -4.00 -4.59
C SER A 234 3.60 -3.39 -3.30
N GLY A 235 3.02 -3.79 -2.17
CA GLY A 235 3.44 -3.27 -0.89
C GLY A 235 2.68 -2.03 -0.46
N GLY A 236 2.07 -1.34 -1.44
CA GLY A 236 1.30 -0.15 -1.15
C GLY A 236 0.03 -0.44 -0.38
N PRO A 237 -0.62 0.59 0.16
CA PRO A 237 -1.86 0.39 0.92
C PRO A 237 -3.15 0.50 0.13
N PHE A 238 -4.14 -0.27 0.57
CA PHE A 238 -5.49 -0.23 0.02
C PHE A 238 -6.15 0.35 1.27
N VAL A 239 -6.61 1.59 1.19
CA VAL A 239 -7.23 2.22 2.37
C VAL A 239 -8.68 2.58 2.16
N MET A 240 -9.38 2.74 3.27
CA MET A 240 -10.79 3.11 3.28
C MET A 240 -10.96 4.14 4.39
N LYS A 241 -11.85 5.10 4.18
CA LYS A 241 -12.10 6.14 5.16
C LYS A 241 -13.37 5.78 5.91
N SER A 242 -13.20 5.48 7.19
CA SER A 242 -14.33 5.11 8.02
C SER A 242 -15.37 6.22 8.11
N PRO A 243 -16.62 5.88 7.80
CA PRO A 243 -17.70 6.88 7.86
C PRO A 243 -18.12 7.10 9.32
N PHE A 244 -17.62 6.25 10.22
CA PHE A 244 -17.94 6.33 11.64
C PHE A 244 -17.06 7.31 12.41
N ASN A 245 -15.76 7.28 12.16
CA ASN A 245 -14.86 8.20 12.87
C ASN A 245 -13.98 9.06 11.96
N ASN A 246 -14.30 9.06 10.66
CA ASN A 246 -13.60 9.84 9.66
C ASN A 246 -12.08 9.67 9.59
N ARG A 247 -11.60 8.48 9.94
CA ARG A 247 -10.16 8.18 9.91
C ARG A 247 -9.89 7.15 8.81
N TRP A 248 -8.72 7.24 8.20
CA TRP A 248 -8.34 6.31 7.14
C TRP A 248 -7.72 5.05 7.76
N TYR A 249 -8.16 3.91 7.26
CA TYR A 249 -7.70 2.61 7.71
C TYR A 249 -7.10 1.81 6.55
N GLN A 250 -5.97 1.16 6.80
CA GLN A 250 -5.32 0.34 5.78
C GLN A 250 -5.94 -1.06 5.87
N MET A 251 -6.82 -1.37 4.93
CA MET A 251 -7.49 -2.67 4.93
C MET A 251 -6.73 -3.73 4.14
N GLY A 252 -5.94 -3.29 3.16
CA GLY A 252 -5.20 -4.25 2.37
C GLY A 252 -3.81 -3.81 1.93
N ILE A 253 -3.05 -4.76 1.39
CA ILE A 253 -1.71 -4.49 0.90
C ILE A 253 -1.69 -4.97 -0.55
N VAL A 254 -1.27 -4.11 -1.48
CA VAL A 254 -1.21 -4.49 -2.89
C VAL A 254 -0.36 -5.76 -2.94
N SER A 255 -0.94 -6.85 -3.45
CA SER A 255 -0.25 -8.13 -3.51
C SER A 255 0.01 -8.70 -4.89
N TRP A 256 -1.04 -9.10 -5.60
CA TRP A 256 -0.85 -9.70 -6.92
C TRP A 256 -2.02 -9.56 -7.86
N GLY A 257 -1.75 -9.81 -9.13
CA GLY A 257 -2.77 -9.75 -10.16
C GLY A 257 -2.21 -10.34 -11.43
N GLU A 258 -3.10 -10.86 -12.28
CA GLU A 258 -2.68 -11.44 -13.56
C GLU A 258 -2.74 -10.30 -14.56
N GLY A 259 -1.57 -9.74 -14.87
CA GLY A 259 -1.50 -8.62 -15.78
C GLY A 259 -1.88 -7.38 -14.99
N CYS A 260 -2.33 -6.33 -15.67
CA CYS A 260 -2.75 -5.09 -15.03
C CYS A 260 -4.00 -4.54 -15.70
N ASP A 261 -5.06 -4.36 -14.92
CA ASP A 261 -6.31 -3.81 -15.44
C ASP A 261 -6.89 -4.59 -16.63
N ARG A 262 -6.84 -5.91 -16.57
CA ARG A 262 -7.38 -6.73 -17.64
C ARG A 262 -8.85 -6.99 -17.36
N ASP A 263 -9.67 -6.98 -18.40
CA ASP A 263 -11.09 -7.23 -18.24
C ASP A 263 -11.26 -8.63 -17.65
N GLY A 264 -12.13 -8.77 -16.66
CA GLY A 264 -12.35 -10.08 -16.06
C GLY A 264 -11.38 -10.46 -14.95
N LYS A 265 -10.31 -9.70 -14.80
CA LYS A 265 -9.33 -9.97 -13.76
C LYS A 265 -9.49 -8.94 -12.65
N TYR A 266 -8.87 -9.22 -11.51
CA TYR A 266 -8.94 -8.31 -10.38
C TYR A 266 -7.61 -8.27 -9.63
N GLY A 267 -7.40 -7.18 -8.89
CA GLY A 267 -6.19 -7.06 -8.10
C GLY A 267 -6.45 -7.76 -6.78
N PHE A 268 -5.44 -8.43 -6.25
CA PHE A 268 -5.60 -9.12 -4.98
C PHE A 268 -4.80 -8.43 -3.91
N TYR A 269 -5.41 -8.28 -2.74
CA TYR A 269 -4.78 -7.59 -1.64
C TYR A 269 -4.71 -8.41 -0.36
N THR A 270 -3.60 -8.26 0.34
CA THR A 270 -3.41 -8.96 1.60
C THR A 270 -4.42 -8.41 2.61
N HIS A 271 -5.17 -9.30 3.25
CA HIS A 271 -6.19 -8.95 4.24
C HIS A 271 -5.48 -8.53 5.53
N VAL A 272 -5.29 -7.23 5.72
CA VAL A 272 -4.58 -6.72 6.91
C VAL A 272 -5.17 -7.16 8.25
N PHE A 273 -6.46 -7.00 8.45
CA PHE A 273 -7.03 -7.40 9.74
C PHE A 273 -6.79 -8.88 10.07
N ARG A 274 -6.91 -9.75 9.08
CA ARG A 274 -6.69 -11.18 9.31
C ARG A 274 -5.28 -11.48 9.84
N LEU A 275 -4.32 -10.61 9.51
CA LEU A 275 -2.96 -10.84 9.96
C LEU A 275 -2.55 -9.85 11.07
N LYS A 276 -3.54 -9.17 11.63
CA LYS A 276 -3.30 -8.19 12.69
C LYS A 276 -2.62 -8.85 13.88
N LYS A 277 -3.04 -10.06 14.21
CA LYS A 277 -2.47 -10.83 15.32
C LYS A 277 -0.95 -10.85 15.18
N TRP A 278 -0.48 -11.27 14.01
CA TRP A 278 0.96 -11.33 13.73
C TRP A 278 1.61 -9.95 13.86
N ILE A 279 0.95 -8.95 13.29
CA ILE A 279 1.46 -7.59 13.34
C ILE A 279 1.71 -7.12 14.77
N GLN A 280 0.70 -7.26 15.63
CA GLN A 280 0.81 -6.85 17.03
C GLN A 280 1.91 -7.60 17.77
N LYS A 281 2.00 -8.91 17.55
CA LYS A 281 3.03 -9.73 18.19
C LYS A 281 4.42 -9.19 17.87
N VAL A 282 4.69 -8.99 16.59
CA VAL A 282 5.98 -8.48 16.17
C VAL A 282 6.29 -7.11 16.79
N ILE A 283 5.29 -6.22 16.77
CA ILE A 283 5.46 -4.88 17.32
C ILE A 283 5.90 -4.85 18.78
N ASP A 284 5.11 -5.43 19.68
CA ASP A 284 5.47 -5.40 21.09
C ASP A 284 6.67 -6.27 21.46
N GLN A 285 6.97 -7.28 20.67
CA GLN A 285 8.13 -8.13 20.97
C GLN A 285 9.43 -7.38 20.67
N PHE A 286 9.45 -6.64 19.57
CA PHE A 286 10.65 -5.91 19.16
C PHE A 286 10.53 -4.40 19.25
N GLY A 287 10.26 -3.88 20.44
CA GLY A 287 10.16 -2.44 20.62
C GLY A 287 8.93 -1.83 19.99
N ASP B 1 16.39 6.29 -13.83
CA ASP B 1 16.15 7.74 -14.10
C ASP B 1 15.81 8.51 -12.82
N PHE B 2 16.36 8.06 -11.69
CA PHE B 2 16.11 8.71 -10.41
C PHE B 2 17.21 9.74 -10.15
N GLU B 3 16.82 10.91 -9.66
CA GLU B 3 17.75 12.00 -9.39
C GLU B 3 19.04 11.54 -8.73
N GLU B 4 19.05 11.57 -7.40
CA GLU B 4 20.21 11.17 -6.60
C GLU B 4 19.99 11.78 -5.23
N ILE B 5 20.05 10.95 -4.20
CA ILE B 5 19.84 11.42 -2.85
C ILE B 5 21.13 11.80 -2.16
N PRO B 6 21.05 12.59 -1.09
CA PRO B 6 22.24 13.01 -0.34
C PRO B 6 23.07 11.79 0.07
N GLU B 7 24.39 11.96 0.09
CA GLU B 7 25.29 10.86 0.44
C GLU B 7 25.10 10.26 1.84
N GLU B 8 24.66 11.07 2.80
CA GLU B 8 24.46 10.58 4.16
C GLU B 8 23.60 9.31 4.20
N TYS B 9 22.51 9.33 3.45
CA TYS B 9 21.58 8.20 3.41
CB TYS B 9 20.33 8.61 2.63
CG TYS B 9 19.68 9.87 3.18
CD1 TYS B 9 19.26 9.94 4.50
CD2 TYS B 9 19.51 10.98 2.37
CE1 TYS B 9 18.68 11.10 5.00
CE2 TYS B 9 18.93 12.14 2.86
CZ TYS B 9 18.51 12.21 4.18
OH TYS B 9 17.99 13.25 4.62
S TYS B 9 16.53 13.45 4.56
O1 TYS B 9 15.93 12.53 5.45
O2 TYS B 9 16.04 13.25 3.22
O3 TYS B 9 16.23 14.79 4.98
C TYS B 9 22.18 6.94 2.81
O TYS B 9 21.90 5.82 3.27
N LEU B 10 23.00 7.08 1.78
CA LEU B 10 23.63 5.94 1.11
C LEU B 10 24.73 5.24 1.92
N1 062 C . 1.83 -16.30 -8.07
C2 062 C . 2.79 -16.20 -9.11
C3 062 C . 2.71 -15.02 -9.92
C4 062 C . 1.69 -14.08 -9.57
C5 062 C . 0.68 -14.22 -8.54
C6 062 C . 0.76 -15.44 -7.76
C10 062 C . 3.45 -14.47 -11.06
C11 062 C . 2.84 -13.20 -11.41
C12 062 C . 1.77 -12.85 -10.41
C13 062 C . 4.65 -14.90 -11.85
C14 062 C . 5.13 -14.00 -12.91
C15 062 C . 4.52 -12.69 -13.23
C16 062 C . 3.33 -12.31 -12.45
O21 062 C . 0.53 -12.72 -11.04
C22 062 C . 2.07 -11.59 -9.52
N23 062 C . 3.22 -11.42 -8.82
C24 062 C . 3.38 -10.12 -8.09
C25 062 C . 4.89 -10.02 -7.80
C26 062 C . 5.03 -11.49 -7.43
C27 062 C . 4.38 -12.31 -8.52
C34 062 C . 2.88 -8.86 -8.80
N36 062 C . 2.25 -7.96 -8.03
C37 062 C . 1.86 -6.66 -8.63
C38 062 C . 0.38 -6.54 -8.92
C41 062 C . -0.47 -6.35 -7.80
C42 062 C . -1.87 -6.12 -8.11
C43 062 C . -2.39 -6.07 -9.46
C44 062 C . -1.51 -6.31 -10.58
C45 062 C . -0.13 -6.54 -10.27
CL1 062 C . -3.01 -5.93 -6.77
C53 062 C . 0.83 -6.72 -11.43
N54 062 C . 0.98 -8.10 -11.84
O60 062 C . 1.95 -17.22 -7.19
O63 062 C . 1.21 -10.71 -9.46
O64 062 C . 3.06 -8.70 -10.01
#